data_5IIS
#
_entry.id   5IIS
#
_cell.length_a   97.720
_cell.length_b   97.720
_cell.length_c   80.609
_cell.angle_alpha   90.00
_cell.angle_beta   90.00
_cell.angle_gamma   120.00
#
_symmetry.space_group_name_H-M   'P 65'
#
loop_
_entity.id
_entity.type
_entity.pdbx_description
1 polymer 'Serine/threonine-protein kinase pim-1'
2 non-polymer DI(HYDROXYETHYL)ETHER
3 non-polymer "3-amino-N-(2'-amino-6'-methyl[4,4'-bipyridin]-3-yl)-6-(2-fluorophenyl)pyridine-2-carboxamide"
4 water water
#
_entity_poly.entity_id   1
_entity_poly.type   'polypeptide(L)'
_entity_poly.pdbx_seq_one_letter_code
;EPLESQYQVGPLLGSGGFGSVYSGIRVSDNLPVAIKHVEKDRISDWGELPNGTRVPMEVVLLKKVSSGFSGVIRLLDWFE
RPDSFVLILERPEPVQDLFDFITERGALQEELARSFFWQVLEAVRHCHNCGVLHRDIKDENILIDLNRGELKLIDFGSGA
LLKDTVYTDFDGTRVYSPPEWIRYHRYHGRSAAVWSLGILLYDMVCGDIPFEHDEEIIRGQVFFRQRVS(SEP)ECQHLI
RWCLALRPSDRPTFEEIQNHPWMQDVLLPQETAEIHLHSLS
;
_entity_poly.pdbx_strand_id   A
#
loop_
_chem_comp.id
_chem_comp.type
_chem_comp.name
_chem_comp.formula
6CB non-polymer 3-amino-N-(2'-amino-6'-methyl[4,4'-bipyridin]-3-yl)-6-(2-fluorophenyl)pyridine-2-carboxamide 'C23 H19 F N6 O'
PEG non-polymer DI(HYDROXYETHYL)ETHER 'C4 H10 O3'
#
# COMPACT_ATOMS: atom_id res chain seq x y z
N GLU A 1 -13.36 -28.51 -2.28
CA GLU A 1 -12.77 -28.07 -3.53
C GLU A 1 -13.48 -26.83 -4.17
N PRO A 2 -14.84 -26.76 -4.30
CA PRO A 2 -15.43 -25.55 -4.92
C PRO A 2 -15.43 -24.33 -3.99
N LEU A 3 -15.57 -23.13 -4.60
CA LEU A 3 -15.58 -21.82 -3.93
C LEU A 3 -16.75 -21.65 -2.96
N GLU A 4 -17.97 -21.98 -3.41
CA GLU A 4 -19.23 -21.86 -2.66
C GLU A 4 -19.27 -22.64 -1.34
N SER A 5 -18.70 -23.86 -1.32
CA SER A 5 -18.67 -24.71 -0.12
C SER A 5 -17.60 -24.31 0.90
N GLN A 6 -16.45 -23.82 0.41
CA GLN A 6 -15.32 -23.42 1.24
C GLN A 6 -15.50 -22.08 1.96
N TYR A 7 -16.24 -21.13 1.36
CA TYR A 7 -16.42 -19.80 1.92
C TYR A 7 -17.87 -19.35 1.98
N GLN A 8 -18.23 -18.68 3.08
CA GLN A 8 -19.54 -18.09 3.28
C GLN A 8 -19.36 -16.59 2.98
N VAL A 9 -20.01 -16.11 1.91
CA VAL A 9 -19.95 -14.73 1.43
C VAL A 9 -20.80 -13.81 2.29
N GLY A 10 -20.20 -12.69 2.68
CA GLY A 10 -20.85 -11.68 3.48
C GLY A 10 -21.12 -10.45 2.66
N PRO A 11 -21.27 -9.28 3.30
CA PRO A 11 -21.59 -8.07 2.53
C PRO A 11 -20.43 -7.57 1.68
N LEU A 12 -20.74 -6.75 0.67
CA LEU A 12 -19.76 -6.08 -0.17
C LEU A 12 -19.03 -5.05 0.70
N LEU A 13 -17.69 -5.11 0.73
CA LEU A 13 -16.86 -4.16 1.49
C LEU A 13 -16.61 -2.92 0.67
N GLY A 14 -16.41 -3.09 -0.63
CA GLY A 14 -16.18 -1.97 -1.53
C GLY A 14 -15.86 -2.44 -2.92
N SER A 15 -15.89 -1.52 -3.88
CA SER A 15 -15.61 -1.86 -5.27
C SER A 15 -15.04 -0.63 -5.96
N GLY A 16 -14.35 -0.85 -7.06
CA GLY A 16 -13.76 0.23 -7.83
C GLY A 16 -12.96 -0.30 -8.99
N GLY A 17 -11.94 0.45 -9.41
CA GLY A 17 -11.06 0.03 -10.51
C GLY A 17 -10.39 -1.32 -10.25
N PHE A 18 -10.15 -1.62 -8.96
CA PHE A 18 -9.53 -2.88 -8.51
C PHE A 18 -10.45 -4.14 -8.61
N GLY A 19 -11.75 -3.93 -8.76
CA GLY A 19 -12.73 -5.02 -8.80
C GLY A 19 -13.74 -4.93 -7.66
N SER A 20 -14.24 -6.07 -7.15
CA SER A 20 -15.23 -6.03 -6.05
C SER A 20 -14.75 -6.87 -4.92
N VAL A 21 -14.75 -6.32 -3.69
CA VAL A 21 -14.26 -7.03 -2.52
C VAL A 21 -15.40 -7.26 -1.53
N TYR A 22 -15.59 -8.51 -1.09
CA TYR A 22 -16.63 -8.91 -0.13
C TYR A 22 -16.00 -9.38 1.14
N SER A 23 -16.75 -9.22 2.26
CA SER A 23 -16.36 -9.81 3.52
C SER A 23 -16.76 -11.27 3.39
N GLY A 24 -16.05 -12.15 4.06
CA GLY A 24 -16.31 -13.57 4.01
C GLY A 24 -15.78 -14.29 5.23
N ILE A 25 -16.10 -15.58 5.32
CA ILE A 25 -15.68 -16.47 6.40
C ILE A 25 -15.30 -17.81 5.78
N ARG A 26 -14.16 -18.39 6.19
CA ARG A 26 -13.78 -19.71 5.70
C ARG A 26 -14.61 -20.69 6.52
N VAL A 27 -15.47 -21.46 5.86
CA VAL A 27 -16.44 -22.39 6.49
C VAL A 27 -15.80 -23.36 7.50
N SER A 28 -14.65 -23.96 7.17
CA SER A 28 -13.94 -24.94 8.00
C SER A 28 -13.58 -24.47 9.41
N ASP A 29 -12.93 -23.29 9.55
CA ASP A 29 -12.48 -22.79 10.86
C ASP A 29 -13.08 -21.43 11.27
N ASN A 30 -14.03 -20.90 10.48
CA ASN A 30 -14.65 -19.59 10.69
C ASN A 30 -13.63 -18.40 10.62
N LEU A 31 -12.49 -18.60 9.93
CA LEU A 31 -11.47 -17.54 9.76
C LEU A 31 -12.02 -16.38 8.91
N PRO A 32 -11.93 -15.12 9.40
CA PRO A 32 -12.38 -13.98 8.57
C PRO A 32 -11.53 -13.85 7.31
N VAL A 33 -12.17 -13.66 6.16
CA VAL A 33 -11.49 -13.52 4.86
C VAL A 33 -12.09 -12.35 4.06
N ALA A 34 -11.39 -11.94 3.00
CA ALA A 34 -11.88 -10.95 2.07
C ALA A 34 -11.85 -11.64 0.73
N ILE A 35 -12.95 -11.55 -0.01
CA ILE A 35 -13.09 -12.24 -1.28
C ILE A 35 -13.09 -11.20 -2.36
N LYS A 36 -12.05 -11.19 -3.18
CA LYS A 36 -11.88 -10.20 -4.23
C LYS A 36 -12.14 -10.80 -5.60
N HIS A 37 -13.01 -10.17 -6.37
CA HIS A 37 -13.35 -10.60 -7.72
C HIS A 37 -12.84 -9.58 -8.69
N VAL A 38 -12.25 -10.07 -9.78
CA VAL A 38 -11.74 -9.20 -10.83
C VAL A 38 -12.09 -9.81 -12.18
N GLU A 39 -12.76 -9.04 -13.05
CA GLU A 39 -13.11 -9.49 -14.39
C GLU A 39 -11.86 -9.57 -15.27
N LYS A 40 -11.73 -10.65 -16.03
CA LYS A 40 -10.62 -10.92 -16.97
C LYS A 40 -10.39 -9.80 -17.97
N ASP A 41 -11.45 -9.21 -18.51
CA ASP A 41 -11.36 -8.09 -19.47
C ASP A 41 -10.93 -6.78 -18.83
N ARG A 42 -11.17 -6.62 -17.52
CA ARG A 42 -10.83 -5.41 -16.76
C ARG A 42 -9.41 -5.43 -16.16
N ILE A 43 -8.69 -6.58 -16.27
CA ILE A 43 -7.35 -6.78 -15.68
C ILE A 43 -6.30 -5.87 -16.34
N SER A 44 -5.67 -4.99 -15.53
CA SER A 44 -4.64 -4.05 -15.99
C SER A 44 -3.30 -4.72 -16.31
N ASP A 45 -2.86 -5.68 -15.46
CA ASP A 45 -1.60 -6.41 -15.67
C ASP A 45 -1.73 -7.91 -15.44
N TRP A 46 -1.22 -8.69 -16.40
CA TRP A 46 -1.21 -10.14 -16.36
C TRP A 46 0.18 -10.64 -16.00
N GLY A 47 0.22 -11.77 -15.30
CA GLY A 47 1.45 -12.41 -14.86
C GLY A 47 1.52 -13.88 -15.20
N GLU A 48 2.73 -14.44 -15.17
CA GLU A 48 3.00 -15.84 -15.47
C GLU A 48 3.36 -16.60 -14.22
N LEU A 49 2.63 -17.69 -13.95
CA LEU A 49 2.90 -18.56 -12.80
C LEU A 49 4.01 -19.55 -13.24
N PRO A 50 4.86 -20.07 -12.31
CA PRO A 50 5.94 -20.99 -12.75
C PRO A 50 5.51 -22.19 -13.61
N ASN A 51 4.30 -22.73 -13.36
CA ASN A 51 3.73 -23.87 -14.08
C ASN A 51 3.08 -23.49 -15.42
N GLY A 52 3.17 -22.22 -15.81
CA GLY A 52 2.63 -21.70 -17.07
C GLY A 52 1.24 -21.08 -17.01
N THR A 53 0.51 -21.24 -15.89
CA THR A 53 -0.84 -20.72 -15.70
C THR A 53 -0.89 -19.17 -15.81
N ARG A 54 -1.78 -18.66 -16.68
CA ARG A 54 -1.98 -17.22 -16.89
C ARG A 54 -2.89 -16.71 -15.75
N VAL A 55 -2.35 -15.79 -14.90
CA VAL A 55 -3.06 -15.26 -13.73
C VAL A 55 -2.93 -13.72 -13.60
N PRO A 56 -3.81 -13.01 -12.83
CA PRO A 56 -3.58 -11.56 -12.63
C PRO A 56 -2.24 -11.34 -11.93
N MET A 57 -1.58 -10.20 -12.20
CA MET A 57 -0.26 -9.88 -11.63
C MET A 57 -0.29 -10.00 -10.12
N GLU A 58 -1.39 -9.53 -9.46
CA GLU A 58 -1.56 -9.62 -8.00
C GLU A 58 -1.31 -11.01 -7.45
N VAL A 59 -1.76 -12.08 -8.17
CA VAL A 59 -1.56 -13.46 -7.71
C VAL A 59 -0.05 -13.78 -7.69
N VAL A 60 0.68 -13.43 -8.76
CA VAL A 60 2.13 -13.65 -8.83
C VAL A 60 2.85 -12.89 -7.71
N LEU A 61 2.58 -11.58 -7.58
CA LEU A 61 3.20 -10.73 -6.58
C LEU A 61 2.89 -11.14 -5.16
N LEU A 62 1.62 -11.49 -4.86
CA LEU A 62 1.30 -11.90 -3.49
C LEU A 62 1.92 -13.23 -3.12
N LYS A 63 2.11 -14.11 -4.10
CA LYS A 63 2.78 -15.40 -3.83
C LYS A 63 4.27 -15.15 -3.51
N LYS A 64 4.90 -14.19 -4.20
CA LYS A 64 6.30 -13.85 -3.97
C LYS A 64 6.57 -13.27 -2.59
N VAL A 65 5.60 -12.50 -2.02
CA VAL A 65 5.71 -11.85 -0.71
C VAL A 65 5.09 -12.68 0.42
N SER A 66 4.78 -13.98 0.15
CA SER A 66 4.14 -14.87 1.13
C SER A 66 5.12 -15.49 2.13
N SER A 67 5.00 -15.09 3.39
CA SER A 67 5.80 -15.58 4.52
C SER A 67 5.01 -15.34 5.82
N GLY A 68 5.72 -15.30 6.94
CA GLY A 68 5.09 -15.06 8.23
C GLY A 68 5.01 -13.59 8.57
N PHE A 69 5.45 -12.72 7.63
CA PHE A 69 5.48 -11.27 7.79
C PHE A 69 4.08 -10.67 7.67
N SER A 70 3.62 -10.03 8.75
CA SER A 70 2.28 -9.47 8.86
C SER A 70 2.09 -8.07 8.21
N GLY A 71 3.14 -7.51 7.59
CA GLY A 71 3.06 -6.18 6.97
C GLY A 71 2.42 -6.20 5.61
N VAL A 72 2.29 -7.38 5.02
CA VAL A 72 1.68 -7.53 3.70
C VAL A 72 0.47 -8.44 3.85
N ILE A 73 -0.65 -8.09 3.19
CA ILE A 73 -1.86 -8.92 3.19
C ILE A 73 -1.52 -10.34 2.63
N ARG A 74 -1.99 -11.38 3.31
CA ARG A 74 -1.71 -12.75 2.87
C ARG A 74 -2.71 -13.23 1.83
N LEU A 75 -2.24 -13.82 0.74
CA LEU A 75 -3.10 -14.47 -0.24
C LEU A 75 -3.32 -15.90 0.26
N LEU A 76 -4.56 -16.25 0.64
CA LEU A 76 -4.87 -17.57 1.20
C LEU A 76 -5.19 -18.60 0.13
N ASP A 77 -5.83 -18.16 -0.96
CA ASP A 77 -6.23 -19.02 -2.07
C ASP A 77 -6.66 -18.16 -3.22
N TRP A 78 -6.84 -18.74 -4.39
CA TRP A 78 -7.33 -18.06 -5.58
C TRP A 78 -8.02 -19.07 -6.49
N PHE A 79 -8.93 -18.59 -7.35
CA PHE A 79 -9.71 -19.45 -8.25
C PHE A 79 -9.90 -18.75 -9.58
N GLU A 80 -9.90 -19.53 -10.65
CA GLU A 80 -10.19 -19.01 -11.97
C GLU A 80 -11.62 -19.42 -12.31
N ARG A 81 -12.40 -18.46 -12.81
CA ARG A 81 -13.76 -18.65 -13.26
C ARG A 81 -13.74 -18.33 -14.77
N PRO A 82 -14.79 -18.65 -15.56
CA PRO A 82 -14.70 -18.38 -17.00
C PRO A 82 -14.35 -16.95 -17.38
N ASP A 83 -14.95 -15.96 -16.71
CA ASP A 83 -14.70 -14.56 -17.05
C ASP A 83 -14.05 -13.73 -15.93
N SER A 84 -13.62 -14.39 -14.86
CA SER A 84 -13.02 -13.67 -13.73
C SER A 84 -12.06 -14.52 -12.92
N PHE A 85 -11.31 -13.84 -12.01
CA PHE A 85 -10.48 -14.50 -11.01
C PHE A 85 -11.04 -14.11 -9.69
N VAL A 86 -10.95 -15.00 -8.72
CA VAL A 86 -11.41 -14.74 -7.37
C VAL A 86 -10.20 -14.95 -6.46
N LEU A 87 -9.89 -13.96 -5.60
CA LEU A 87 -8.77 -14.08 -4.65
C LEU A 87 -9.31 -14.11 -3.26
N ILE A 88 -8.81 -15.02 -2.45
CA ILE A 88 -9.20 -15.11 -1.04
C ILE A 88 -8.03 -14.52 -0.28
N LEU A 89 -8.31 -13.47 0.49
CA LEU A 89 -7.26 -12.76 1.20
C LEU A 89 -7.54 -12.75 2.68
N GLU A 90 -6.50 -12.49 3.46
CA GLU A 90 -6.58 -12.30 4.90
C GLU A 90 -7.52 -11.13 5.18
N ARG A 91 -8.25 -11.17 6.30
CA ARG A 91 -9.08 -10.06 6.75
C ARG A 91 -8.91 -9.89 8.24
N PRO A 92 -8.13 -8.88 8.71
CA PRO A 92 -8.04 -8.63 10.15
C PRO A 92 -9.41 -8.10 10.62
N GLU A 93 -9.74 -8.32 11.89
CA GLU A 93 -11.05 -7.91 12.42
C GLU A 93 -10.88 -7.57 13.90
N PRO A 94 -11.16 -6.33 14.35
CA PRO A 94 -11.66 -5.17 13.58
C PRO A 94 -10.54 -4.56 12.71
N VAL A 95 -10.93 -3.93 11.61
CA VAL A 95 -9.99 -3.34 10.67
C VAL A 95 -10.52 -1.99 10.20
N GLN A 96 -9.61 -1.09 9.78
CA GLN A 96 -9.97 0.19 9.18
C GLN A 96 -8.85 0.59 8.23
N ASP A 97 -9.19 1.05 7.02
CA ASP A 97 -8.11 1.50 6.13
C ASP A 97 -7.62 2.85 6.64
N LEU A 98 -6.36 3.20 6.29
CA LEU A 98 -5.74 4.43 6.73
C LEU A 98 -6.46 5.70 6.22
N PHE A 99 -7.07 5.65 5.04
CA PHE A 99 -7.81 6.83 4.52
C PHE A 99 -8.99 7.18 5.47
N ASP A 100 -9.78 6.16 5.87
CA ASP A 100 -10.93 6.36 6.76
C ASP A 100 -10.48 6.77 8.13
N PHE A 101 -9.36 6.19 8.59
CA PHE A 101 -8.80 6.50 9.89
C PHE A 101 -8.42 7.99 9.95
N ILE A 102 -7.71 8.48 8.92
CA ILE A 102 -7.28 9.87 8.83
C ILE A 102 -8.50 10.80 8.68
N THR A 103 -9.50 10.41 7.88
CA THR A 103 -10.72 11.21 7.70
C THR A 103 -11.41 11.45 9.07
N GLU A 104 -11.50 10.41 9.92
CA GLU A 104 -12.14 10.51 11.24
C GLU A 104 -11.32 11.25 12.28
N ARG A 105 -10.00 11.05 12.27
CA ARG A 105 -9.11 11.63 13.26
C ARG A 105 -8.48 12.96 12.90
N GLY A 106 -8.48 13.31 11.62
CA GLY A 106 -7.76 14.49 11.14
C GLY A 106 -6.27 14.16 11.07
N ALA A 107 -5.41 15.19 11.07
CA ALA A 107 -3.95 15.02 11.04
C ALA A 107 -3.51 14.17 12.25
N LEU A 108 -2.59 13.23 12.01
CA LEU A 108 -2.15 12.34 13.08
C LEU A 108 -1.05 12.97 13.90
N GLN A 109 -1.04 12.69 15.21
CA GLN A 109 0.06 13.08 16.10
C GLN A 109 1.34 12.45 15.51
N GLU A 110 2.48 13.14 15.61
CA GLU A 110 3.73 12.64 15.00
C GLU A 110 4.19 11.28 15.51
N GLU A 111 3.93 10.99 16.80
CA GLU A 111 4.29 9.71 17.37
C GLU A 111 3.54 8.58 16.69
N LEU A 112 2.27 8.83 16.37
CA LEU A 112 1.44 7.83 15.70
C LEU A 112 1.86 7.70 14.23
N ALA A 113 2.07 8.83 13.54
CA ALA A 113 2.49 8.84 12.15
C ALA A 113 3.84 8.12 12.00
N ARG A 114 4.74 8.26 12.99
CA ARG A 114 6.06 7.62 12.97
C ARG A 114 5.89 6.11 13.03
N SER A 115 5.04 5.60 13.96
CA SER A 115 4.81 4.17 14.09
C SER A 115 4.21 3.60 12.81
N PHE A 116 3.17 4.28 12.27
CA PHE A 116 2.50 3.84 11.04
C PHE A 116 3.48 3.86 9.85
N PHE A 117 4.19 4.99 9.68
CA PHE A 117 5.13 5.16 8.55
C PHE A 117 6.25 4.10 8.60
N TRP A 118 6.79 3.85 9.80
CA TRP A 118 7.83 2.83 10.02
C TRP A 118 7.34 1.44 9.55
N GLN A 119 6.11 1.05 9.93
CA GLN A 119 5.56 -0.23 9.51
C GLN A 119 5.33 -0.30 8.01
N VAL A 120 4.94 0.83 7.38
CA VAL A 120 4.77 0.85 5.94
C VAL A 120 6.12 0.64 5.30
N LEU A 121 7.16 1.36 5.79
CA LEU A 121 8.52 1.19 5.28
C LEU A 121 9.00 -0.28 5.40
N GLU A 122 8.75 -0.95 6.55
CA GLU A 122 9.15 -2.36 6.72
C GLU A 122 8.44 -3.24 5.72
N ALA A 123 7.15 -2.97 5.46
CA ALA A 123 6.34 -3.73 4.49
C ALA A 123 6.82 -3.54 3.03
N VAL A 124 7.14 -2.29 2.65
CA VAL A 124 7.64 -1.98 1.31
C VAL A 124 9.04 -2.57 1.13
N ARG A 125 9.90 -2.51 2.14
CA ARG A 125 11.25 -3.11 2.04
C ARG A 125 11.12 -4.63 1.81
N HIS A 126 10.16 -5.30 2.50
CA HIS A 126 9.88 -6.73 2.34
C HIS A 126 9.44 -7.02 0.91
N CYS A 127 8.54 -6.20 0.34
CA CYS A 127 8.15 -6.38 -1.06
C CYS A 127 9.37 -6.30 -1.98
N HIS A 128 10.15 -5.21 -1.87
CA HIS A 128 11.33 -5.01 -2.71
C HIS A 128 12.35 -6.15 -2.56
N ASN A 129 12.52 -6.68 -1.35
CA ASN A 129 13.39 -7.83 -1.08
C ASN A 129 12.94 -9.07 -1.82
N CYS A 130 11.62 -9.22 -1.99
CA CYS A 130 10.98 -10.36 -2.65
C CYS A 130 10.82 -10.16 -4.14
N GLY A 131 11.36 -9.05 -4.65
CA GLY A 131 11.31 -8.71 -6.07
C GLY A 131 9.97 -8.15 -6.51
N VAL A 132 9.22 -7.55 -5.57
CA VAL A 132 7.88 -7.00 -5.84
C VAL A 132 7.85 -5.48 -5.68
N LEU A 133 7.29 -4.78 -6.66
CA LEU A 133 7.11 -3.33 -6.57
C LEU A 133 5.57 -3.09 -6.52
N HIS A 134 5.09 -2.41 -5.48
CA HIS A 134 3.66 -2.21 -5.25
C HIS A 134 3.00 -1.26 -6.28
N ARG A 135 3.60 -0.08 -6.49
CA ARG A 135 3.18 0.95 -7.45
C ARG A 135 1.85 1.66 -7.11
N ASP A 136 1.28 1.43 -5.93
CA ASP A 136 0.06 2.17 -5.53
C ASP A 136 0.00 2.34 -4.02
N ILE A 137 1.14 2.72 -3.44
CA ILE A 137 1.22 2.98 -2.00
C ILE A 137 0.43 4.26 -1.75
N LYS A 138 -0.58 4.18 -0.87
CA LYS A 138 -1.45 5.32 -0.52
C LYS A 138 -2.26 4.94 0.69
N ASP A 139 -2.87 5.93 1.36
CA ASP A 139 -3.69 5.68 2.57
C ASP A 139 -4.78 4.61 2.36
N GLU A 140 -5.46 4.59 1.18
CA GLU A 140 -6.53 3.62 0.85
C GLU A 140 -6.04 2.20 0.73
N ASN A 141 -4.73 2.00 0.44
CA ASN A 141 -4.14 0.66 0.28
C ASN A 141 -3.40 0.18 1.53
N ILE A 142 -3.68 0.82 2.65
CA ILE A 142 -3.06 0.43 3.92
C ILE A 142 -4.17 0.13 4.92
N LEU A 143 -4.14 -1.08 5.50
CA LEU A 143 -5.12 -1.47 6.51
C LEU A 143 -4.52 -1.43 7.87
N ILE A 144 -5.33 -1.04 8.86
CA ILE A 144 -4.87 -1.04 10.25
C ILE A 144 -5.58 -2.19 10.99
N ASP A 145 -4.81 -3.12 11.55
CA ASP A 145 -5.34 -4.19 12.41
C ASP A 145 -5.43 -3.43 13.76
N LEU A 146 -6.62 -2.89 14.08
CA LEU A 146 -6.88 -2.04 15.25
C LEU A 146 -6.55 -2.65 16.61
N ASN A 147 -6.67 -3.96 16.79
CA ASN A 147 -6.34 -4.59 18.09
C ASN A 147 -4.83 -4.74 18.29
N ARG A 148 -4.10 -5.04 17.21
CA ARG A 148 -2.65 -5.27 17.30
C ARG A 148 -1.80 -4.05 16.97
N GLY A 149 -2.42 -3.02 16.38
CA GLY A 149 -1.73 -1.81 15.96
C GLY A 149 -0.76 -2.09 14.81
N GLU A 150 -1.06 -3.13 14.01
CA GLU A 150 -0.24 -3.55 12.86
C GLU A 150 -0.88 -3.11 11.56
N LEU A 151 -0.06 -2.59 10.67
CA LEU A 151 -0.51 -2.12 9.37
C LEU A 151 -0.19 -3.16 8.32
N LYS A 152 -1.05 -3.26 7.29
CA LYS A 152 -0.87 -4.19 6.17
C LYS A 152 -1.07 -3.48 4.85
N LEU A 153 -0.22 -3.81 3.87
CA LEU A 153 -0.34 -3.30 2.51
C LEU A 153 -1.33 -4.18 1.81
N ILE A 154 -2.23 -3.56 1.03
CA ILE A 154 -3.19 -4.32 0.23
C ILE A 154 -3.12 -3.79 -1.21
N ASP A 155 -3.83 -4.47 -2.11
CA ASP A 155 -3.96 -4.11 -3.53
C ASP A 155 -2.66 -4.13 -4.30
N PHE A 156 -2.26 -5.29 -4.75
CA PHE A 156 -1.08 -5.43 -5.58
C PHE A 156 -1.45 -5.51 -7.07
N GLY A 157 -2.69 -5.12 -7.40
CA GLY A 157 -3.22 -5.16 -8.76
C GLY A 157 -2.63 -4.18 -9.76
N SER A 158 -1.88 -3.17 -9.28
CA SER A 158 -1.22 -2.21 -10.18
C SER A 158 0.32 -2.43 -10.12
N GLY A 159 0.72 -3.45 -9.40
CA GLY A 159 2.12 -3.78 -9.15
C GLY A 159 2.88 -4.37 -10.32
N ALA A 160 4.16 -4.68 -10.08
CA ALA A 160 5.02 -5.29 -11.11
C ALA A 160 6.15 -5.98 -10.43
N LEU A 161 6.87 -6.79 -11.20
CA LEU A 161 8.09 -7.40 -10.71
C LEU A 161 9.06 -6.23 -10.61
N LEU A 162 9.83 -6.17 -9.55
CA LEU A 162 10.81 -5.10 -9.38
C LEU A 162 11.99 -5.30 -10.38
N LYS A 163 12.38 -4.23 -11.07
CA LYS A 163 13.49 -4.24 -12.01
C LYS A 163 14.32 -2.96 -11.83
N ASP A 164 15.56 -2.95 -12.40
CA ASP A 164 16.47 -1.80 -12.29
C ASP A 164 16.42 -0.89 -13.50
N THR A 165 15.66 -1.28 -14.53
CA THR A 165 15.46 -0.50 -15.75
C THR A 165 14.18 0.36 -15.61
N VAL A 166 13.99 1.29 -16.57
CA VAL A 166 12.88 2.25 -16.55
C VAL A 166 11.51 1.57 -16.74
N TYR A 167 10.48 2.11 -16.05
CA TYR A 167 9.08 1.69 -16.23
C TYR A 167 8.44 2.75 -17.13
N THR A 168 7.66 2.32 -18.10
CA THR A 168 7.00 3.26 -19.03
C THR A 168 5.49 3.12 -18.93
N ASP A 169 5.04 2.17 -18.10
CA ASP A 169 3.62 1.93 -17.85
C ASP A 169 3.33 2.29 -16.39
N PHE A 170 2.10 2.76 -16.12
CA PHE A 170 1.66 3.09 -14.76
C PHE A 170 0.15 3.11 -14.68
N ASP A 171 -0.40 2.47 -13.67
CA ASP A 171 -1.84 2.43 -13.43
C ASP A 171 -2.16 2.60 -11.94
N GLY A 172 -1.29 3.29 -11.20
CA GLY A 172 -1.54 3.60 -9.79
C GLY A 172 -2.30 4.89 -9.65
N THR A 173 -2.16 5.58 -8.51
CA THR A 173 -2.88 6.85 -8.24
C THR A 173 -2.02 8.06 -8.64
N ARG A 174 -2.56 8.90 -9.55
CA ARG A 174 -1.86 10.06 -10.11
C ARG A 174 -1.31 11.03 -9.07
N VAL A 175 -2.10 11.37 -8.05
CA VAL A 175 -1.71 12.33 -7.00
C VAL A 175 -0.57 11.81 -6.11
N TYR A 176 -0.25 10.50 -6.18
CA TYR A 176 0.88 9.88 -5.46
C TYR A 176 2.00 9.57 -6.45
N SER A 177 1.80 9.88 -7.76
CA SER A 177 2.80 9.58 -8.81
C SER A 177 3.88 10.65 -8.93
N PRO A 178 5.13 10.28 -9.25
CA PRO A 178 6.22 11.25 -9.22
C PRO A 178 6.25 12.22 -10.42
N PRO A 179 6.99 13.34 -10.32
CA PRO A 179 7.06 14.31 -11.43
C PRO A 179 7.65 13.75 -12.72
N GLU A 180 8.59 12.77 -12.64
CA GLU A 180 9.15 12.10 -13.82
C GLU A 180 8.06 11.30 -14.55
N TRP A 181 7.07 10.74 -13.82
CA TRP A 181 5.97 10.04 -14.50
C TRP A 181 5.07 11.09 -15.20
N ILE A 182 4.68 12.14 -14.47
CA ILE A 182 3.83 13.21 -15.02
C ILE A 182 4.47 13.84 -16.28
N ARG A 183 5.76 14.23 -16.20
CA ARG A 183 6.46 14.88 -17.31
C ARG A 183 6.87 13.98 -18.47
N TYR A 184 7.47 12.82 -18.18
CA TYR A 184 8.09 11.96 -19.19
C TYR A 184 7.49 10.60 -19.37
N HIS A 185 6.52 10.16 -18.52
CA HIS A 185 5.95 8.80 -18.60
C HIS A 185 7.06 7.77 -18.38
N ARG A 186 8.03 8.11 -17.51
CA ARG A 186 9.18 7.29 -17.16
C ARG A 186 9.44 7.41 -15.67
N TYR A 187 9.84 6.31 -15.03
CA TYR A 187 10.22 6.29 -13.62
C TYR A 187 10.98 5.01 -13.32
N HIS A 188 11.79 5.05 -12.26
CA HIS A 188 12.49 3.87 -11.77
C HIS A 188 11.70 3.46 -10.52
N GLY A 189 11.69 2.17 -10.22
CA GLY A 189 10.88 1.57 -9.14
C GLY A 189 11.06 2.14 -7.75
N ARG A 190 12.27 2.04 -7.21
CA ARG A 190 12.58 2.49 -5.85
C ARG A 190 12.33 3.97 -5.63
N SER A 191 12.87 4.84 -6.51
CA SER A 191 12.72 6.28 -6.32
C SER A 191 11.26 6.74 -6.48
N ALA A 192 10.46 6.10 -7.35
CA ALA A 192 9.02 6.43 -7.48
C ALA A 192 8.30 5.99 -6.18
N ALA A 193 8.68 4.83 -5.60
CA ALA A 193 8.09 4.34 -4.35
C ALA A 193 8.39 5.34 -3.21
N VAL A 194 9.64 5.86 -3.14
CA VAL A 194 10.04 6.85 -2.12
C VAL A 194 9.20 8.14 -2.27
N TRP A 195 8.95 8.61 -3.51
CA TRP A 195 8.10 9.79 -3.73
C TRP A 195 6.68 9.53 -3.14
N SER A 196 6.06 8.37 -3.48
CA SER A 196 4.72 8.06 -2.97
C SER A 196 4.74 7.98 -1.45
N LEU A 197 5.88 7.54 -0.86
CA LEU A 197 6.02 7.50 0.60
C LEU A 197 6.08 8.91 1.20
N GLY A 198 6.70 9.86 0.50
CA GLY A 198 6.68 11.26 0.97
C GLY A 198 5.27 11.83 0.93
N ILE A 199 4.47 11.49 -0.11
CA ILE A 199 3.06 11.94 -0.26
C ILE A 199 2.25 11.38 0.94
N LEU A 200 2.43 10.07 1.21
CA LEU A 200 1.79 9.35 2.32
C LEU A 200 2.13 9.97 3.68
N LEU A 201 3.42 10.25 3.95
CA LEU A 201 3.82 10.80 5.25
C LEU A 201 3.23 12.20 5.42
N TYR A 202 3.25 13.04 4.35
CA TYR A 202 2.63 14.37 4.40
C TYR A 202 1.13 14.18 4.76
N ASP A 203 0.47 13.24 4.07
CA ASP A 203 -0.95 12.95 4.27
C ASP A 203 -1.26 12.59 5.73
N MET A 204 -0.38 11.82 6.36
CA MET A 204 -0.54 11.42 7.74
C MET A 204 -0.44 12.60 8.69
N VAL A 205 0.57 13.46 8.52
CA VAL A 205 0.82 14.55 9.48
C VAL A 205 0.03 15.81 9.19
N CYS A 206 -0.53 15.94 7.98
CA CYS A 206 -1.33 17.10 7.58
C CYS A 206 -2.81 16.78 7.40
N GLY A 207 -3.16 15.50 7.30
CA GLY A 207 -4.55 15.10 7.14
C GLY A 207 -5.09 15.23 5.72
N ASP A 208 -4.21 15.54 4.75
CA ASP A 208 -4.57 15.64 3.32
C ASP A 208 -3.30 15.57 2.50
N ILE A 209 -3.41 15.27 1.21
CA ILE A 209 -2.26 15.16 0.32
C ILE A 209 -1.70 16.54 -0.04
N PRO A 210 -0.40 16.67 -0.37
CA PRO A 210 0.14 18.02 -0.64
C PRO A 210 -0.19 18.59 -2.01
N PHE A 211 -0.36 17.72 -3.02
CA PHE A 211 -0.56 18.15 -4.41
C PHE A 211 -1.82 17.56 -5.00
N GLU A 212 -2.59 18.38 -5.70
CA GLU A 212 -3.82 17.93 -6.36
C GLU A 212 -3.68 17.91 -7.89
N HIS A 213 -2.92 18.87 -8.44
CA HIS A 213 -2.78 19.03 -9.90
C HIS A 213 -1.42 18.65 -10.41
N ASP A 214 -1.34 18.29 -11.70
CA ASP A 214 -0.06 17.96 -12.36
C ASP A 214 1.00 19.04 -12.15
N GLU A 215 0.62 20.32 -12.24
CA GLU A 215 1.52 21.48 -12.13
C GLU A 215 2.14 21.60 -10.74
N GLU A 216 1.37 21.27 -9.69
CA GLU A 216 1.89 21.27 -8.32
C GLU A 216 2.90 20.16 -8.15
N ILE A 217 2.61 18.95 -8.69
CA ILE A 217 3.54 17.79 -8.61
C ILE A 217 4.89 18.18 -9.24
N ILE A 218 4.84 18.76 -10.47
CA ILE A 218 6.02 19.15 -11.24
C ILE A 218 6.82 20.24 -10.53
N ARG A 219 6.12 21.22 -9.91
CA ARG A 219 6.79 22.30 -9.19
C ARG A 219 7.45 21.75 -7.91
N GLY A 220 6.78 20.78 -7.26
CA GLY A 220 7.28 20.12 -6.06
C GLY A 220 7.52 21.00 -4.84
N GLN A 221 6.89 22.20 -4.79
CA GLN A 221 7.02 23.10 -3.65
C GLN A 221 6.07 22.59 -2.58
N VAL A 222 6.59 22.24 -1.42
CA VAL A 222 5.78 21.69 -0.35
C VAL A 222 5.34 22.78 0.62
N PHE A 223 4.03 22.96 0.79
CA PHE A 223 3.49 23.89 1.77
C PHE A 223 2.88 23.09 2.93
N PHE A 224 3.25 23.38 4.18
CA PHE A 224 2.66 22.70 5.33
C PHE A 224 1.44 23.43 5.87
N ARG A 225 0.26 22.80 5.74
CA ARG A 225 -1.03 23.33 6.19
C ARG A 225 -1.30 23.12 7.71
N GLN A 226 -0.50 22.26 8.34
CA GLN A 226 -0.56 21.95 9.76
C GLN A 226 0.82 22.17 10.35
N ARG A 227 0.85 22.26 11.65
CA ARG A 227 2.05 22.36 12.42
C ARG A 227 2.76 20.99 12.34
N VAL A 228 3.96 20.97 11.74
CA VAL A 228 4.74 19.75 11.58
C VAL A 228 6.15 20.11 12.04
N SER A 229 6.80 19.23 12.83
CA SER A 229 8.17 19.45 13.30
C SER A 229 9.14 19.67 12.14
N SEP A 230 10.25 20.36 12.40
CA SEP A 230 11.29 20.63 11.41
CB SEP A 230 12.32 21.55 12.11
OG SEP A 230 11.57 22.79 12.47
C SEP A 230 11.91 19.32 10.87
O SEP A 230 12.20 19.23 9.68
P SEP A 230 11.47 23.00 14.11
O1P SEP A 230 11.04 24.50 14.27
O2P SEP A 230 12.84 23.00 14.82
O3P SEP A 230 10.60 21.93 14.85
N GLU A 231 12.12 18.32 11.74
CA GLU A 231 12.70 17.03 11.31
C GLU A 231 11.73 16.28 10.38
N CYS A 232 10.42 16.25 10.71
CA CYS A 232 9.41 15.62 9.86
C CYS A 232 9.30 16.32 8.49
N GLN A 233 9.24 17.67 8.47
CA GLN A 233 9.22 18.47 7.23
C GLN A 233 10.44 18.16 6.37
N HIS A 234 11.63 18.04 6.99
CA HIS A 234 12.88 17.73 6.26
C HIS A 234 12.76 16.36 5.57
N LEU A 235 12.28 15.34 6.28
CA LEU A 235 12.15 13.99 5.70
C LEU A 235 11.17 14.01 4.52
N ILE A 236 10.04 14.69 4.69
CA ILE A 236 9.01 14.80 3.66
C ILE A 236 9.61 15.47 2.42
N ARG A 237 10.29 16.61 2.60
CA ARG A 237 10.90 17.34 1.50
C ARG A 237 11.97 16.53 0.81
N TRP A 238 12.66 15.67 1.57
CA TRP A 238 13.70 14.83 1.02
C TRP A 238 13.08 13.74 0.12
N CYS A 239 12.02 13.04 0.61
CA CYS A 239 11.30 12.01 -0.16
C CYS A 239 10.71 12.61 -1.43
N LEU A 240 10.30 13.88 -1.35
CA LEU A 240 9.71 14.63 -2.45
C LEU A 240 10.71 15.45 -3.26
N ALA A 241 11.98 15.04 -3.29
CA ALA A 241 12.99 15.72 -4.12
C ALA A 241 12.58 15.57 -5.57
N LEU A 242 12.69 16.66 -6.36
CA LEU A 242 12.32 16.64 -7.79
C LEU A 242 13.18 15.67 -8.57
N ARG A 243 14.47 15.60 -8.28
CA ARG A 243 15.36 14.69 -9.01
C ARG A 243 15.26 13.34 -8.33
N PRO A 244 14.88 12.27 -9.06
CA PRO A 244 14.75 10.94 -8.41
C PRO A 244 15.98 10.51 -7.62
N SER A 245 17.21 10.76 -8.15
CA SER A 245 18.47 10.40 -7.51
C SER A 245 18.78 11.17 -6.23
N ASP A 246 18.09 12.30 -5.98
CA ASP A 246 18.23 13.08 -4.75
C ASP A 246 17.37 12.52 -3.61
N ARG A 247 16.40 11.63 -3.93
CA ARG A 247 15.52 11.05 -2.91
C ARG A 247 16.29 10.07 -2.02
N PRO A 248 15.92 9.95 -0.73
CA PRO A 248 16.64 9.00 0.13
C PRO A 248 16.35 7.54 -0.24
N THR A 249 17.28 6.63 0.15
CA THR A 249 17.09 5.19 -0.01
C THR A 249 16.23 4.81 1.22
N PHE A 250 15.70 3.58 1.27
CA PHE A 250 14.93 3.17 2.47
C PHE A 250 15.78 3.21 3.72
N GLU A 251 17.10 2.92 3.60
CA GLU A 251 18.02 2.97 4.72
C GLU A 251 18.16 4.39 5.23
N GLU A 252 18.26 5.37 4.32
CA GLU A 252 18.37 6.78 4.72
C GLU A 252 17.09 7.29 5.36
N ILE A 253 15.93 6.80 4.91
CA ILE A 253 14.66 7.17 5.57
C ILE A 253 14.63 6.60 7.00
N GLN A 254 14.91 5.30 7.17
CA GLN A 254 14.81 4.68 8.49
C GLN A 254 15.91 5.13 9.48
N ASN A 255 17.02 5.71 8.97
CA ASN A 255 18.07 6.27 9.82
C ASN A 255 17.84 7.75 10.07
N HIS A 256 16.79 8.36 9.45
CA HIS A 256 16.52 9.79 9.62
C HIS A 256 16.23 10.09 11.11
N PRO A 257 16.72 11.21 11.69
CA PRO A 257 16.39 11.50 13.10
C PRO A 257 14.90 11.53 13.44
N TRP A 258 14.01 11.94 12.50
CA TRP A 258 12.56 11.91 12.81
C TRP A 258 12.09 10.47 13.04
N MET A 259 12.79 9.47 12.49
CA MET A 259 12.35 8.06 12.56
C MET A 259 12.80 7.30 13.81
N GLN A 260 13.58 7.95 14.68
CA GLN A 260 14.14 7.27 15.84
C GLN A 260 13.11 7.05 16.95
N ASP A 261 13.34 5.99 17.76
CA ASP A 261 12.51 5.61 18.93
C ASP A 261 11.04 5.36 18.58
N VAL A 262 10.81 4.57 17.52
CA VAL A 262 9.46 4.22 17.08
C VAL A 262 8.76 3.39 18.17
N LEU A 263 7.45 3.54 18.30
CA LEU A 263 6.71 2.70 19.21
C LEU A 263 6.58 1.33 18.59
N LEU A 264 6.39 0.31 19.44
CA LEU A 264 6.10 -1.05 18.99
C LEU A 264 4.62 -1.04 18.55
N PRO A 265 4.19 -1.94 17.65
CA PRO A 265 2.76 -1.94 17.24
C PRO A 265 1.78 -2.09 18.41
N GLN A 266 2.07 -2.98 19.37
CA GLN A 266 1.14 -3.15 20.50
C GLN A 266 1.06 -1.89 21.39
N GLU A 267 2.19 -1.17 21.57
CA GLU A 267 2.21 0.10 22.32
C GLU A 267 1.39 1.14 21.56
N THR A 268 1.46 1.10 20.20
CA THR A 268 0.73 2.00 19.31
C THR A 268 -0.79 1.79 19.52
N ALA A 269 -1.25 0.52 19.52
CA ALA A 269 -2.67 0.21 19.71
C ALA A 269 -3.14 0.66 21.12
N GLU A 270 -2.33 0.44 22.17
CA GLU A 270 -2.68 0.82 23.55
C GLU A 270 -2.79 2.33 23.76
N ILE A 271 -1.83 3.10 23.22
CA ILE A 271 -1.80 4.55 23.37
C ILE A 271 -2.77 5.26 22.42
N HIS A 272 -2.82 4.84 21.15
CA HIS A 272 -3.57 5.57 20.13
C HIS A 272 -4.82 4.94 19.56
N LEU A 273 -4.97 3.62 19.68
CA LEU A 273 -6.12 2.98 19.05
C LEU A 273 -7.14 2.40 20.04
N HIS A 274 -6.85 2.48 21.35
CA HIS A 274 -7.75 1.93 22.39
C HIS A 274 -8.36 3.03 23.24
C1 PEG B . -6.98 12.29 3.05
O1 PEG B . -6.73 11.13 3.85
C2 PEG B . -6.27 12.20 1.71
O2 PEG B . -7.17 11.90 0.65
C3 PEG B . -6.55 11.76 -0.63
C4 PEG B . -5.64 10.55 -0.67
O4 PEG B . -6.22 9.48 -1.43
C1 6CB C . -11.88 -1.71 0.43
C2 6CB C . -11.16 -2.53 -0.42
C3 6CB C . -9.90 -2.14 -0.87
C11 6CB C . -8.59 -5.97 0.43
C12 6CB C . -9.08 -6.15 1.83
C13 6CB C . -10.29 -5.21 3.58
C14 6CB C . -9.93 -6.25 4.43
C15 6CB C . -9.14 -7.27 3.95
C16 6CB C . -8.67 -7.26 2.64
C17 6CB C . -11.04 -4.01 4.05
C18 6CB C . -10.75 -2.75 3.51
C19 6CB C . -11.38 -1.61 3.98
C20 6CB C . -12.32 -1.71 5.01
C21 6CB C . -12.62 -2.93 5.57
C22 6CB C . -11.99 -4.05 5.07
F 6CB C . -12.34 -5.25 5.59
N4 6CB C . -9.87 -5.18 2.30
N5 6CB C . -7.82 -8.28 2.19
O 6CB C . -7.74 -6.72 -0.06
N3 6CB C . -9.13 -4.90 -0.20
C10 6CB C . -8.83 -4.38 -1.49
C9 6CB C . -8.18 -5.11 -2.47
N2 6CB C . -7.75 -4.61 -3.63
C8 6CB C . -7.97 -3.32 -3.84
C7 6CB C . -8.62 -2.48 -2.96
C6 6CB C . -9.09 -3.01 -1.76
C4 6CB C . -9.41 -0.90 -0.45
C5 6CB C . -10.19 -0.11 0.41
N 6CB C . -9.71 1.05 0.93
N1 6CB C . -11.41 -0.52 0.82
C 6CB C . -13.19 -2.16 1.01
H3 6CB C . -11.58 -3.48 -0.74
H11 6CB C . -10.21 -6.27 5.48
H12 6CB C . -8.86 -8.08 4.62
H15 6CB C . -10.06 -2.63 2.68
H16 6CB C . -11.18 -0.64 3.54
H17 6CB C . -12.86 -0.82 5.34
H18 6CB C . -13.33 -3.01 6.39
H13 6CB C . -7.47 -8.31 1.24
H14 6CB C . -7.52 -9.01 2.82
H10 6CB C . -9.83 -4.40 0.34
H9 6CB C . -7.95 -6.17 -2.36
H8 6CB C . -7.59 -2.95 -4.80
H7 6CB C . -8.79 -1.44 -3.21
H4 6CB C . -8.42 -0.57 -0.77
H6 6CB C . -10.24 1.59 1.60
H5 6CB C . -8.78 1.38 0.69
H1 6CB C . -13.67 -1.38 1.63
H 6CB C . -13.86 -2.40 0.20
H2 6CB C . -13.08 -3.04 1.63
#